data_1V3Y
#
_entry.id   1V3Y
#
_cell.length_a   62.582
_cell.length_b   62.582
_cell.length_c   105.271
_cell.angle_alpha   90.00
_cell.angle_beta   90.00
_cell.angle_gamma   90.00
#
_symmetry.space_group_name_H-M   'P 43'
#
loop_
_entity.id
_entity.type
_entity.pdbx_description
1 polymer 'Peptide deformylase'
2 water water
#
_entity_poly.entity_id   1
_entity_poly.type   'polypeptide(L)'
_entity_poly.pdbx_seq_one_letter_code
;MVYPIRLYGDPVLRRKARPVEDFSGIKRLAEDMLETMFEAKGVGLAAPQIGLSQRLFVAVEYADEPEGEEERPLRELVRR
VYVVANPVITYREGLVEGTEG(OCS)LSLPGLYSEEVPRAERIRVEYQDEEGRGRVLELEGYMARVFQHEIDHLDGILFF
ERLPKPKREAFLEANRAELVRFQKEARALLKELSQG
;
_entity_poly.pdbx_strand_id   A,B
#
# COMPACT_ATOMS: atom_id res chain seq x y z
N MET A 1 -13.22 -32.33 -23.80
CA MET A 1 -12.16 -32.88 -22.92
C MET A 1 -12.32 -32.26 -21.52
N VAL A 2 -13.53 -31.82 -21.19
CA VAL A 2 -13.77 -31.08 -19.94
C VAL A 2 -14.06 -32.13 -18.85
N TYR A 3 -13.86 -31.70 -17.61
CA TYR A 3 -14.15 -32.45 -16.44
C TYR A 3 -15.34 -31.79 -15.81
N PRO A 4 -16.18 -32.59 -15.13
CA PRO A 4 -17.20 -32.02 -14.25
C PRO A 4 -16.56 -31.21 -13.16
N ILE A 5 -17.15 -30.08 -12.82
CA ILE A 5 -16.67 -29.29 -11.71
C ILE A 5 -17.35 -29.74 -10.39
N ARG A 6 -16.53 -29.98 -9.37
CA ARG A 6 -17.00 -30.40 -8.08
C ARG A 6 -17.68 -29.26 -7.37
N LEU A 7 -18.84 -29.53 -6.78
CA LEU A 7 -19.60 -28.51 -6.04
C LEU A 7 -19.31 -28.53 -4.56
N TYR A 8 -19.54 -27.38 -3.92
CA TYR A 8 -19.61 -27.25 -2.49
C TYR A 8 -20.29 -28.41 -1.80
N GLY A 9 -19.56 -29.01 -0.85
CA GLY A 9 -19.98 -30.23 -0.19
C GLY A 9 -19.07 -31.41 -0.52
N ASP A 10 -18.40 -31.38 -1.67
CA ASP A 10 -17.43 -32.45 -2.01
C ASP A 10 -16.21 -32.23 -1.12
N PRO A 11 -15.82 -33.23 -0.31
CA PRO A 11 -14.68 -33.03 0.60
C PRO A 11 -13.34 -32.72 -0.07
N VAL A 12 -13.21 -33.03 -1.34
CA VAL A 12 -11.97 -32.77 -2.04
C VAL A 12 -11.66 -31.29 -2.04
N LEU A 13 -12.70 -30.46 -1.96
CA LEU A 13 -12.50 -29.00 -1.95
C LEU A 13 -11.85 -28.48 -0.66
N ARG A 14 -11.89 -29.30 0.38
CA ARG A 14 -11.39 -28.92 1.68
C ARG A 14 -10.08 -29.59 2.11
N ARG A 15 -9.53 -30.44 1.28
CA ARG A 15 -8.27 -31.10 1.59
C ARG A 15 -7.10 -30.14 1.36
N LYS A 16 -5.97 -30.38 2.02
CA LYS A 16 -4.76 -29.70 1.63
C LYS A 16 -4.16 -30.46 0.45
N ALA A 17 -4.10 -29.82 -0.71
CA ALA A 17 -3.57 -30.48 -1.91
C ALA A 17 -2.08 -30.79 -1.78
N ARG A 18 -1.68 -31.90 -2.40
CA ARG A 18 -0.30 -32.37 -2.43
C ARG A 18 0.53 -31.71 -3.51
N PRO A 19 1.79 -31.42 -3.21
CA PRO A 19 2.70 -30.85 -4.20
C PRO A 19 2.79 -31.70 -5.43
N VAL A 20 2.93 -31.05 -6.56
CA VAL A 20 3.22 -31.72 -7.79
C VAL A 20 4.69 -32.09 -7.84
N GLU A 21 4.95 -33.33 -8.22
CA GLU A 21 6.32 -33.89 -8.29
C GLU A 21 6.70 -34.39 -9.68
N ASP A 22 5.79 -35.11 -10.29
CA ASP A 22 5.96 -35.58 -11.65
C ASP A 22 5.21 -34.67 -12.59
N PHE A 23 5.97 -33.97 -13.43
CA PHE A 23 5.41 -32.95 -14.32
C PHE A 23 5.13 -33.50 -15.73
N SER A 24 5.42 -34.78 -15.97
CA SER A 24 5.31 -35.33 -17.32
C SER A 24 3.94 -35.13 -17.98
N GLY A 25 2.84 -35.27 -17.21
CA GLY A 25 1.48 -35.14 -17.72
C GLY A 25 0.74 -33.82 -17.42
N ILE A 26 1.48 -32.88 -16.82
CA ILE A 26 0.89 -31.65 -16.31
C ILE A 26 0.42 -30.75 -17.46
N LYS A 27 1.19 -30.65 -18.54
CA LYS A 27 0.77 -29.87 -19.69
C LYS A 27 -0.60 -30.29 -20.22
N ARG A 28 -0.74 -31.60 -20.47
CA ARG A 28 -1.97 -32.18 -20.97
C ARG A 28 -3.13 -32.02 -19.98
N LEU A 29 -2.88 -32.23 -18.69
CA LEU A 29 -3.93 -32.08 -17.68
C LEU A 29 -4.33 -30.62 -17.64
N ALA A 30 -3.34 -29.74 -17.67
CA ALA A 30 -3.60 -28.30 -17.62
C ALA A 30 -4.44 -27.87 -18.83
N GLU A 31 -4.23 -28.52 -19.97
CA GLU A 31 -5.00 -28.19 -21.19
C GLU A 31 -6.50 -28.51 -20.99
N ASP A 32 -6.79 -29.65 -20.36
CA ASP A 32 -8.16 -30.04 -20.06
C ASP A 32 -8.74 -29.17 -18.98
N MET A 33 -7.91 -28.68 -18.05
CA MET A 33 -8.43 -27.76 -17.03
C MET A 33 -8.83 -26.44 -17.70
N LEU A 34 -7.99 -25.95 -18.58
CA LEU A 34 -8.29 -24.70 -19.30
C LEU A 34 -9.58 -24.84 -20.14
N GLU A 35 -9.77 -25.99 -20.78
CA GLU A 35 -10.95 -26.20 -21.60
C GLU A 35 -12.15 -26.21 -20.70
N THR A 36 -12.04 -26.79 -19.50
CA THR A 36 -13.12 -26.80 -18.54
C THR A 36 -13.46 -25.40 -18.04
N MET A 37 -12.42 -24.64 -17.69
CA MET A 37 -12.56 -23.29 -17.20
C MET A 37 -13.29 -22.43 -18.27
N PHE A 38 -12.77 -22.52 -19.49
CA PHE A 38 -13.26 -21.70 -20.60
C PHE A 38 -14.74 -22.00 -20.88
N GLU A 39 -15.13 -23.28 -20.89
CA GLU A 39 -16.51 -23.65 -21.19
C GLU A 39 -17.44 -23.15 -20.09
N ALA A 40 -16.95 -23.11 -18.84
CA ALA A 40 -17.71 -22.59 -17.72
C ALA A 40 -17.64 -21.08 -17.54
N LYS A 41 -16.95 -20.42 -18.46
CA LYS A 41 -16.74 -18.98 -18.48
C LYS A 41 -15.95 -18.44 -17.27
N GLY A 42 -15.10 -19.26 -16.70
CA GLY A 42 -14.24 -18.77 -15.62
C GLY A 42 -12.93 -18.16 -16.06
N VAL A 43 -12.21 -17.58 -15.09
CA VAL A 43 -10.89 -17.01 -15.33
C VAL A 43 -9.83 -17.77 -14.53
N GLY A 44 -10.27 -18.70 -13.69
CA GLY A 44 -9.30 -19.59 -12.99
C GLY A 44 -9.97 -20.89 -12.66
N LEU A 45 -9.18 -21.96 -12.48
CA LEU A 45 -9.69 -23.24 -12.07
C LEU A 45 -8.55 -24.02 -11.39
N ALA A 46 -8.86 -24.60 -10.23
CA ALA A 46 -7.85 -25.32 -9.44
C ALA A 46 -8.10 -26.79 -9.54
N ALA A 47 -7.02 -27.58 -9.45
CA ALA A 47 -7.16 -29.01 -9.57
C ALA A 47 -8.19 -29.67 -8.63
N PRO A 48 -8.28 -29.27 -7.36
CA PRO A 48 -9.33 -29.79 -6.50
C PRO A 48 -10.76 -29.65 -7.09
N GLN A 49 -11.01 -28.59 -7.90
CA GLN A 49 -12.33 -28.39 -8.50
C GLN A 49 -12.73 -29.43 -9.59
N ILE A 50 -11.73 -30.15 -10.09
CA ILE A 50 -11.93 -31.33 -10.93
C ILE A 50 -11.57 -32.66 -10.29
N GLY A 51 -11.50 -32.68 -8.98
CA GLY A 51 -11.38 -33.92 -8.22
C GLY A 51 -9.96 -34.37 -7.94
N LEU A 52 -8.97 -33.49 -8.16
CA LEU A 52 -7.56 -33.87 -8.08
C LEU A 52 -6.87 -33.03 -6.98
N SER A 53 -6.49 -33.67 -5.86
CA SER A 53 -5.91 -32.96 -4.72
C SER A 53 -4.39 -32.71 -4.96
N GLN A 54 -4.13 -31.88 -5.95
CA GLN A 54 -2.78 -31.52 -6.37
C GLN A 54 -2.66 -30.02 -6.44
N ARG A 55 -1.46 -29.54 -6.10
CA ARG A 55 -1.17 -28.08 -6.01
C ARG A 55 -0.92 -27.55 -7.43
N LEU A 56 -2.03 -27.40 -8.15
CA LEU A 56 -2.05 -26.98 -9.55
C LEU A 56 -3.29 -26.15 -9.83
N PHE A 57 -3.12 -25.03 -10.50
CA PHE A 57 -4.26 -24.28 -11.04
C PHE A 57 -3.90 -23.65 -12.39
N VAL A 58 -4.93 -23.29 -13.11
CA VAL A 58 -4.75 -22.54 -14.36
C VAL A 58 -5.52 -21.25 -14.21
N ALA A 59 -5.08 -20.21 -14.89
CA ALA A 59 -5.81 -18.95 -14.89
C ALA A 59 -5.45 -18.19 -16.14
N VAL A 60 -6.34 -17.28 -16.52
CA VAL A 60 -6.07 -16.40 -17.65
C VAL A 60 -6.32 -14.93 -17.38
N GLU A 61 -5.51 -14.12 -18.07
CA GLU A 61 -5.69 -12.68 -18.21
C GLU A 61 -6.16 -12.39 -19.67
N LEU A 74 -12.35 -18.76 -26.97
CA LEU A 74 -11.81 -17.79 -25.96
C LEU A 74 -10.32 -17.94 -25.65
N ARG A 75 -9.75 -19.12 -25.93
CA ARG A 75 -8.29 -19.29 -25.95
C ARG A 75 -7.57 -18.27 -26.83
N GLU A 76 -8.23 -17.78 -27.89
CA GLU A 76 -7.66 -16.74 -28.76
C GLU A 76 -7.81 -15.29 -28.22
N LEU A 77 -8.59 -15.10 -27.15
CA LEU A 77 -8.80 -13.74 -26.60
C LEU A 77 -7.89 -13.41 -25.40
N VAL A 78 -7.15 -14.39 -24.90
CA VAL A 78 -6.41 -14.22 -23.66
C VAL A 78 -5.09 -13.45 -23.92
N ARG A 79 -4.76 -12.54 -23.01
CA ARG A 79 -3.48 -11.82 -23.01
C ARG A 79 -2.35 -12.72 -22.44
N ARG A 80 -2.64 -13.42 -21.34
CA ARG A 80 -1.66 -14.31 -20.71
C ARG A 80 -2.42 -15.55 -20.22
N VAL A 81 -1.77 -16.70 -20.35
CA VAL A 81 -2.24 -17.96 -19.79
C VAL A 81 -1.23 -18.40 -18.74
N TYR A 82 -1.74 -18.84 -17.57
CA TYR A 82 -0.90 -19.26 -16.46
C TYR A 82 -1.25 -20.69 -16.11
N VAL A 83 -0.22 -21.53 -16.14
CA VAL A 83 -0.27 -22.87 -15.56
C VAL A 83 0.66 -22.86 -14.35
N VAL A 84 0.07 -23.04 -13.17
CA VAL A 84 0.80 -22.73 -11.96
C VAL A 84 0.79 -23.93 -11.04
N ALA A 85 1.94 -24.55 -10.84
CA ALA A 85 2.10 -25.65 -9.89
C ALA A 85 2.89 -25.20 -8.68
N ASN A 86 2.55 -25.76 -7.53
CA ASN A 86 3.29 -25.52 -6.30
C ASN A 86 3.49 -24.04 -5.99
N PRO A 87 2.43 -23.24 -6.11
CA PRO A 87 2.55 -21.82 -5.82
C PRO A 87 2.79 -21.52 -4.35
N VAL A 88 3.59 -20.50 -4.05
CA VAL A 88 3.73 -19.97 -2.69
C VAL A 88 3.75 -18.47 -2.78
N ILE A 89 2.87 -17.79 -2.04
CA ILE A 89 2.93 -16.35 -1.95
C ILE A 89 4.04 -15.97 -1.01
N THR A 90 5.08 -15.33 -1.56
CA THR A 90 6.22 -14.85 -0.78
C THR A 90 6.20 -13.38 -0.33
N TYR A 91 5.27 -12.61 -0.86
CA TYR A 91 5.09 -11.21 -0.49
C TYR A 91 3.65 -10.79 -0.75
N ARG A 92 3.11 -9.94 0.12
CA ARG A 92 1.83 -9.34 -0.12
C ARG A 92 1.86 -7.92 0.42
N GLU A 93 1.11 -7.06 -0.23
CA GLU A 93 0.98 -5.67 0.19
C GLU A 93 -0.44 -5.20 -0.06
N GLY A 94 -1.00 -4.40 0.84
CA GLY A 94 -2.26 -3.75 0.58
C GLY A 94 -3.43 -4.62 0.95
N LEU A 95 -4.61 -4.02 0.87
CA LEU A 95 -5.83 -4.74 1.22
C LEU A 95 -6.97 -4.06 0.51
N VAL A 96 -7.62 -4.77 -0.40
CA VAL A 96 -8.71 -4.24 -1.23
C VAL A 96 -9.87 -5.23 -1.18
N GLU A 97 -11.08 -4.74 -0.91
CA GLU A 97 -12.30 -5.53 -0.96
C GLU A 97 -12.86 -5.54 -2.37
N GLY A 98 -13.36 -6.70 -2.78
CA GLY A 98 -13.82 -6.87 -4.14
C GLY A 98 -14.79 -8.05 -4.30
N THR A 99 -15.36 -8.18 -5.50
CA THR A 99 -16.39 -9.18 -5.82
C THR A 99 -15.73 -10.49 -6.27
N GLU A 100 -16.18 -11.59 -5.68
CA GLU A 100 -15.80 -12.93 -6.12
C GLU A 100 -16.99 -13.87 -6.03
N GLY A 101 -16.99 -14.84 -6.94
CA GLY A 101 -17.85 -15.99 -6.92
C GLY A 101 -16.94 -17.22 -7.15
N OCS A 102 -17.54 -18.33 -7.51
CA OCS A 102 -16.81 -19.61 -7.61
CB OCS A 102 -16.56 -20.09 -6.21
SG OCS A 102 -15.28 -21.33 -6.13
C OCS A 102 -17.66 -20.59 -8.33
O OCS A 102 -18.85 -20.72 -8.05
OD1 OCS A 102 -14.03 -20.82 -6.79
OD2 OCS A 102 -15.15 -21.60 -4.73
OD3 OCS A 102 -15.69 -22.48 -6.78
N LEU A 103 -17.06 -21.31 -9.26
CA LEU A 103 -17.81 -22.28 -10.06
C LEU A 103 -18.35 -23.44 -9.22
N SER A 104 -17.74 -23.69 -8.07
CA SER A 104 -18.17 -24.72 -7.14
C SER A 104 -19.37 -24.26 -6.29
N LEU A 105 -19.67 -22.96 -6.35
CA LEU A 105 -20.78 -22.35 -5.62
C LEU A 105 -21.58 -21.47 -6.61
N PRO A 106 -22.13 -22.10 -7.63
CA PRO A 106 -22.66 -21.35 -8.78
C PRO A 106 -23.76 -20.41 -8.40
N GLY A 107 -23.62 -19.18 -8.91
CA GLY A 107 -24.53 -18.09 -8.62
C GLY A 107 -24.36 -17.37 -7.32
N LEU A 108 -23.42 -17.79 -6.46
CA LEU A 108 -23.23 -17.12 -5.19
C LEU A 108 -22.00 -16.20 -5.24
N TYR A 109 -22.15 -14.97 -4.73
CA TYR A 109 -21.09 -13.95 -4.78
C TYR A 109 -21.01 -13.20 -3.47
N SER A 110 -19.82 -12.74 -3.13
CA SER A 110 -19.65 -11.69 -2.15
C SER A 110 -18.99 -10.51 -2.83
N GLU A 111 -19.41 -9.28 -2.47
CA GLU A 111 -18.83 -8.04 -3.02
C GLU A 111 -17.74 -7.44 -2.13
N GLU A 112 -17.43 -8.07 -1.01
CA GLU A 112 -16.54 -7.49 0.00
C GLU A 112 -15.37 -8.44 0.41
N VAL A 113 -14.91 -9.28 -0.51
CA VAL A 113 -13.82 -10.21 -0.17
C VAL A 113 -12.50 -9.46 -0.10
N PRO A 114 -11.86 -9.39 1.08
CA PRO A 114 -10.57 -8.73 1.18
C PRO A 114 -9.45 -9.57 0.59
N ARG A 115 -8.57 -8.91 -0.16
CA ARG A 115 -7.38 -9.53 -0.76
C ARG A 115 -6.20 -8.57 -0.72
N ALA A 116 -4.98 -9.12 -0.72
CA ALA A 116 -3.82 -8.30 -1.00
C ALA A 116 -3.95 -7.63 -2.38
N GLU A 117 -3.52 -6.37 -2.47
CA GLU A 117 -3.53 -5.62 -3.72
C GLU A 117 -2.39 -6.07 -4.59
N ARG A 118 -1.25 -6.40 -4.01
CA ARG A 118 -0.08 -6.86 -4.76
C ARG A 118 0.51 -8.07 -4.10
N ILE A 119 0.91 -9.05 -4.90
CA ILE A 119 1.58 -10.24 -4.42
C ILE A 119 2.79 -10.60 -5.24
N ARG A 120 3.70 -11.32 -4.61
CA ARG A 120 4.74 -12.08 -5.31
C ARG A 120 4.51 -13.57 -5.07
N VAL A 121 4.61 -14.33 -6.14
CA VAL A 121 4.34 -15.75 -6.11
C VAL A 121 5.51 -16.51 -6.73
N GLU A 122 6.02 -17.50 -6.00
CA GLU A 122 6.95 -18.52 -6.54
C GLU A 122 6.17 -19.76 -6.92
N TYR A 123 6.49 -20.32 -8.09
CA TYR A 123 5.78 -21.46 -8.63
C TYR A 123 6.62 -22.22 -9.62
N GLN A 124 6.07 -23.32 -10.11
CA GLN A 124 6.66 -24.05 -11.22
C GLN A 124 5.68 -24.06 -12.36
N ASP A 125 6.20 -23.95 -13.58
CA ASP A 125 5.36 -24.02 -14.74
C ASP A 125 5.03 -25.46 -15.14
N GLU A 126 4.38 -25.62 -16.28
CA GLU A 126 3.94 -26.95 -16.68
C GLU A 126 5.07 -27.94 -16.98
N GLU A 127 6.30 -27.43 -17.18
CA GLU A 127 7.49 -28.28 -17.36
C GLU A 127 8.28 -28.50 -16.04
N GLY A 128 7.76 -27.98 -14.94
CA GLY A 128 8.42 -28.01 -13.66
C GLY A 128 9.45 -26.93 -13.39
N ARG A 129 9.54 -25.92 -14.26
CA ARG A 129 10.57 -24.89 -14.21
C ARG A 129 10.17 -23.81 -13.21
N GLY A 130 11.07 -23.49 -12.27
CA GLY A 130 10.83 -22.45 -11.28
C GLY A 130 10.64 -21.09 -11.90
N ARG A 131 9.63 -20.38 -11.40
CA ARG A 131 9.29 -19.04 -11.84
C ARG A 131 8.93 -18.19 -10.64
N VAL A 132 9.07 -16.88 -10.83
CA VAL A 132 8.67 -15.89 -9.84
C VAL A 132 7.88 -14.84 -10.61
N LEU A 133 6.76 -14.42 -10.04
CA LEU A 133 5.85 -13.49 -10.71
C LEU A 133 5.29 -12.51 -9.68
N GLU A 134 5.13 -11.25 -10.05
CA GLU A 134 4.45 -10.27 -9.22
C GLU A 134 3.19 -9.81 -9.95
N LEU A 135 2.09 -9.74 -9.22
CA LEU A 135 0.78 -9.38 -9.79
C LEU A 135 0.14 -8.33 -8.90
N GLU A 136 -0.70 -7.49 -9.47
CA GLU A 136 -1.44 -6.48 -8.73
C GLU A 136 -2.88 -6.52 -9.18
N GLY A 137 -3.77 -6.04 -8.34
CA GLY A 137 -5.15 -5.87 -8.80
C GLY A 137 -5.87 -7.16 -9.12
N TYR A 138 -6.64 -7.15 -10.20
CA TYR A 138 -7.51 -8.28 -10.55
C TYR A 138 -6.76 -9.61 -10.60
N MET A 139 -5.61 -9.65 -11.27
CA MET A 139 -4.95 -10.94 -11.44
C MET A 139 -4.37 -11.41 -10.08
N ALA A 140 -3.99 -10.48 -9.20
CA ALA A 140 -3.54 -10.88 -7.85
C ALA A 140 -4.68 -11.51 -7.05
N ARG A 141 -5.89 -11.00 -7.26
CA ARG A 141 -7.07 -11.55 -6.63
C ARG A 141 -7.37 -12.92 -7.18
N VAL A 142 -7.28 -13.12 -8.49
CA VAL A 142 -7.50 -14.44 -9.08
C VAL A 142 -6.50 -15.46 -8.54
N PHE A 143 -5.22 -15.07 -8.52
CA PHE A 143 -4.20 -16.00 -7.98
C PHE A 143 -4.44 -16.32 -6.51
N GLN A 144 -4.79 -15.34 -5.67
CA GLN A 144 -5.11 -15.62 -4.25
C GLN A 144 -6.25 -16.59 -4.10
N HIS A 145 -7.33 -16.37 -4.86
CA HIS A 145 -8.47 -17.27 -4.86
C HIS A 145 -8.12 -18.72 -5.28
N GLU A 146 -7.31 -18.89 -6.32
CA GLU A 146 -6.95 -20.19 -6.79
C GLU A 146 -6.01 -20.87 -5.83
N ILE A 147 -5.06 -20.15 -5.30
CA ILE A 147 -4.12 -20.75 -4.34
C ILE A 147 -4.89 -21.21 -3.11
N ASP A 148 -5.88 -20.42 -2.72
CA ASP A 148 -6.74 -20.79 -1.61
C ASP A 148 -7.38 -22.15 -1.82
N HIS A 149 -7.78 -22.47 -3.03
CA HIS A 149 -8.38 -23.80 -3.30
C HIS A 149 -7.41 -24.92 -2.91
N LEU A 150 -6.14 -24.71 -3.12
CA LEU A 150 -5.12 -25.72 -2.83
C LEU A 150 -4.88 -25.93 -1.36
N ASP A 151 -5.33 -24.97 -0.54
CA ASP A 151 -5.32 -25.02 0.90
C ASP A 151 -6.67 -25.38 1.52
N GLY A 152 -7.64 -25.75 0.67
CA GLY A 152 -8.95 -26.18 1.12
C GLY A 152 -9.84 -25.04 1.59
N ILE A 153 -9.59 -23.84 1.06
CA ILE A 153 -10.27 -22.61 1.47
C ILE A 153 -11.16 -22.10 0.33
N LEU A 154 -12.32 -21.58 0.68
CA LEU A 154 -13.25 -20.95 -0.24
C LEU A 154 -13.44 -19.48 0.14
N PHE A 155 -13.85 -18.66 -0.83
CA PHE A 155 -13.73 -17.25 -0.70
C PHE A 155 -14.47 -16.65 0.47
N PHE A 156 -15.58 -17.25 0.87
CA PHE A 156 -16.32 -16.69 2.00
C PHE A 156 -15.54 -16.78 3.32
N GLU A 157 -14.56 -17.70 3.40
CA GLU A 157 -13.72 -17.82 4.58
C GLU A 157 -12.75 -16.68 4.77
N ARG A 158 -12.51 -15.94 3.70
CA ARG A 158 -11.73 -14.72 3.75
C ARG A 158 -12.49 -13.53 4.28
N LEU A 159 -13.81 -13.64 4.36
CA LEU A 159 -14.61 -12.56 4.93
C LEU A 159 -14.48 -12.50 6.46
N PRO A 160 -14.43 -11.29 7.03
CA PRO A 160 -14.47 -11.14 8.47
C PRO A 160 -15.68 -11.87 9.01
N LYS A 161 -15.54 -12.38 10.21
CA LYS A 161 -16.53 -13.26 10.79
C LYS A 161 -17.99 -12.84 10.64
N PRO A 162 -18.37 -11.63 10.99
CA PRO A 162 -19.78 -11.22 10.84
C PRO A 162 -20.28 -11.31 9.39
N LYS A 163 -19.41 -10.95 8.45
CA LYS A 163 -19.75 -10.99 7.04
C LYS A 163 -19.79 -12.42 6.51
N ARG A 164 -18.88 -13.26 6.97
CA ARG A 164 -18.92 -14.67 6.65
C ARG A 164 -20.20 -15.34 7.16
N GLU A 165 -20.56 -15.06 8.40
CA GLU A 165 -21.77 -15.61 8.96
C GLU A 165 -23.02 -15.12 8.19
N ALA A 166 -23.04 -13.85 7.80
CA ALA A 166 -24.16 -13.31 7.05
C ALA A 166 -24.28 -13.99 5.69
N PHE A 167 -23.13 -14.27 5.05
CA PHE A 167 -23.10 -14.91 3.76
C PHE A 167 -23.63 -16.31 3.86
N LEU A 168 -23.20 -17.08 4.86
CA LEU A 168 -23.66 -18.42 5.03
C LEU A 168 -25.17 -18.50 5.40
N GLU A 169 -25.66 -17.58 6.22
CA GLU A 169 -27.10 -17.52 6.55
C GLU A 169 -27.95 -17.15 5.33
N ALA A 170 -27.57 -16.09 4.66
CA ALA A 170 -28.31 -15.58 3.50
C ALA A 170 -28.45 -16.62 2.37
N ASN A 171 -27.41 -17.42 2.17
CA ASN A 171 -27.36 -18.38 1.08
C ASN A 171 -27.58 -19.78 1.53
N ARG A 172 -28.13 -19.95 2.72
CA ARG A 172 -28.23 -21.28 3.33
C ARG A 172 -28.87 -22.32 2.44
N ALA A 173 -29.98 -21.97 1.78
CA ALA A 173 -30.74 -22.95 1.03
C ALA A 173 -29.94 -23.43 -0.16
N GLU A 174 -29.32 -22.51 -0.89
CA GLU A 174 -28.50 -22.90 -2.05
C GLU A 174 -27.29 -23.74 -1.61
N LEU A 175 -26.68 -23.36 -0.48
CA LEU A 175 -25.52 -24.13 0.01
C LEU A 175 -25.90 -25.58 0.36
N VAL A 176 -27.07 -25.74 0.96
CA VAL A 176 -27.61 -27.07 1.25
C VAL A 176 -27.83 -27.87 -0.02
N ARG A 177 -28.35 -27.22 -1.05
CA ARG A 177 -28.66 -27.84 -2.32
C ARG A 177 -27.38 -28.34 -2.97
N PHE A 178 -26.35 -27.51 -2.98
CA PHE A 178 -25.06 -27.93 -3.56
C PHE A 178 -24.53 -29.18 -2.88
N GLN A 179 -24.57 -29.17 -1.57
CA GLN A 179 -24.05 -30.30 -0.78
C GLN A 179 -24.78 -31.60 -1.12
N LYS A 180 -26.10 -31.51 -1.25
CA LYS A 180 -26.88 -32.68 -1.66
C LYS A 180 -26.46 -33.16 -3.02
N GLU A 181 -26.29 -32.22 -3.95
CA GLU A 181 -25.88 -32.58 -5.31
C GLU A 181 -24.47 -33.14 -5.34
N ALA A 182 -23.61 -32.65 -4.46
CA ALA A 182 -22.18 -33.06 -4.47
C ALA A 182 -22.01 -34.55 -4.12
N VAL B 2 -4.82 9.38 7.74
CA VAL B 2 -3.64 10.06 7.12
C VAL B 2 -3.99 10.78 5.79
N TYR B 3 -3.19 11.77 5.44
CA TYR B 3 -3.20 12.47 4.15
C TYR B 3 -2.06 11.95 3.29
N PRO B 4 -2.24 11.92 1.97
CA PRO B 4 -1.13 11.78 1.02
C PRO B 4 -0.18 12.92 1.19
N ILE B 5 1.09 12.60 1.21
CA ILE B 5 2.13 13.62 1.26
C ILE B 5 2.49 14.07 -0.17
N ARG B 6 2.45 15.39 -0.37
CA ARG B 6 2.74 15.99 -1.62
C ARG B 6 4.24 15.89 -1.89
N LEU B 7 4.59 15.54 -3.13
CA LEU B 7 5.99 15.44 -3.53
C LEU B 7 6.52 16.66 -4.23
N TYR B 8 7.85 16.76 -4.19
CA TYR B 8 8.65 17.73 -4.92
C TYR B 8 8.09 17.87 -6.32
N GLY B 9 7.83 19.08 -6.71
CA GLY B 9 7.22 19.39 -7.99
C GLY B 9 5.82 19.94 -7.83
N ASP B 10 5.13 19.59 -6.76
CA ASP B 10 3.86 20.19 -6.47
C ASP B 10 4.09 21.66 -6.08
N PRO B 11 3.44 22.60 -6.76
CA PRO B 11 3.73 24.01 -6.47
C PRO B 11 3.30 24.48 -5.07
N VAL B 12 2.40 23.78 -4.41
CA VAL B 12 2.03 24.13 -3.06
C VAL B 12 3.24 24.15 -2.14
N LEU B 13 4.30 23.36 -2.44
CA LEU B 13 5.45 23.25 -1.54
C LEU B 13 6.32 24.50 -1.57
N ARG B 14 6.11 25.32 -2.61
CA ARG B 14 6.97 26.44 -2.91
C ARG B 14 6.32 27.80 -2.71
N ARG B 15 5.08 27.83 -2.27
CA ARG B 15 4.38 29.06 -2.00
C ARG B 15 4.68 29.57 -0.60
N LYS B 16 4.28 30.81 -0.36
CA LYS B 16 4.34 31.38 0.96
C LYS B 16 3.00 31.09 1.59
N ALA B 17 2.97 30.20 2.59
CA ALA B 17 1.74 29.85 3.24
C ALA B 17 1.07 31.02 3.99
N ARG B 18 -0.25 30.98 4.04
CA ARG B 18 -1.09 32.02 4.68
C ARG B 18 -1.24 31.80 6.20
N PRO B 19 -1.23 32.88 6.98
CA PRO B 19 -1.50 32.76 8.43
C PRO B 19 -2.83 32.08 8.75
N VAL B 20 -2.82 31.31 9.83
CA VAL B 20 -4.02 30.75 10.37
C VAL B 20 -4.76 31.81 11.16
N GLU B 21 -6.02 32.04 10.79
CA GLU B 21 -6.91 32.95 11.55
C GLU B 21 -7.96 32.21 12.32
N ASP B 22 -8.56 31.20 11.71
CA ASP B 22 -9.62 30.43 12.38
C ASP B 22 -9.05 29.15 12.92
N PHE B 23 -9.04 29.00 14.25
CA PHE B 23 -8.48 27.79 14.90
C PHE B 23 -9.47 26.65 15.22
N SER B 24 -10.75 26.86 14.90
CA SER B 24 -11.82 25.94 15.29
C SER B 24 -11.54 24.49 14.87
N GLY B 25 -10.98 24.28 13.67
CA GLY B 25 -10.69 22.96 13.15
C GLY B 25 -9.24 22.52 13.29
N ILE B 26 -8.38 23.38 13.85
CA ILE B 26 -6.94 23.10 13.86
C ILE B 26 -6.53 21.90 14.66
N LYS B 27 -7.15 21.68 15.83
CA LYS B 27 -6.79 20.52 16.62
C LYS B 27 -7.03 19.25 15.82
N ARG B 28 -8.17 19.10 15.15
CA ARG B 28 -8.44 17.86 14.45
C ARG B 28 -7.56 17.69 13.22
N LEU B 29 -7.33 18.79 12.53
CA LEU B 29 -6.44 18.74 11.37
C LEU B 29 -5.04 18.32 11.83
N ALA B 30 -4.59 18.92 12.90
CA ALA B 30 -3.29 18.62 13.49
C ALA B 30 -3.16 17.17 13.92
N GLU B 31 -4.23 16.58 14.45
CA GLU B 31 -4.20 15.16 14.80
C GLU B 31 -3.99 14.31 13.58
N ASP B 32 -4.62 14.68 12.45
CA ASP B 32 -4.45 13.90 11.23
C ASP B 32 -3.05 14.10 10.66
N MET B 33 -2.51 15.30 10.85
CA MET B 33 -1.14 15.57 10.42
C MET B 33 -0.19 14.69 11.21
N LEU B 34 -0.43 14.62 12.52
CA LEU B 34 0.46 13.83 13.38
C LEU B 34 0.39 12.37 12.95
N GLU B 35 -0.82 11.88 12.70
CA GLU B 35 -1.01 10.50 12.27
C GLU B 35 -0.25 10.23 10.95
N THR B 36 -0.30 11.19 10.00
CA THR B 36 0.40 11.13 8.72
C THR B 36 1.94 11.04 8.94
N MET B 37 2.45 11.93 9.78
CA MET B 37 3.88 12.02 10.07
C MET B 37 4.36 10.67 10.72
N PHE B 38 3.59 10.21 11.69
CA PHE B 38 3.94 8.96 12.43
C PHE B 38 3.97 7.76 11.50
N GLU B 39 2.95 7.64 10.67
CA GLU B 39 2.90 6.54 9.70
C GLU B 39 4.04 6.59 8.69
N ALA B 40 4.46 7.80 8.33
CA ALA B 40 5.54 7.99 7.40
C ALA B 40 6.91 7.97 8.05
N LYS B 41 6.94 7.75 9.37
CA LYS B 41 8.15 7.65 10.14
C LYS B 41 8.94 8.98 10.14
N GLY B 42 8.21 10.08 10.16
CA GLY B 42 8.79 11.41 10.22
C GLY B 42 8.81 11.99 11.63
N VAL B 43 9.51 13.12 11.81
CA VAL B 43 9.55 13.86 13.08
C VAL B 43 8.91 15.28 13.00
N GLY B 44 8.56 15.66 11.78
CA GLY B 44 7.89 16.91 11.48
C GLY B 44 7.08 16.78 10.20
N LEU B 45 6.07 17.64 10.07
CA LEU B 45 5.24 17.66 8.88
C LEU B 45 4.53 19.03 8.84
N ALA B 46 4.69 19.71 7.72
CA ALA B 46 4.08 21.03 7.53
C ALA B 46 2.82 20.96 6.69
N ALA B 47 1.88 21.88 6.93
CA ALA B 47 0.59 21.85 6.20
C ALA B 47 0.74 21.86 4.67
N PRO B 48 1.66 22.61 4.08
CA PRO B 48 1.84 22.54 2.63
C PRO B 48 2.10 21.12 2.17
N GLN B 49 2.80 20.29 2.97
CA GLN B 49 3.05 18.90 2.59
C GLN B 49 1.80 17.98 2.49
N ILE B 50 0.65 18.40 3.05
CA ILE B 50 -0.63 17.74 2.84
C ILE B 50 -1.59 18.63 2.03
N GLY B 51 -1.00 19.59 1.30
CA GLY B 51 -1.72 20.35 0.30
C GLY B 51 -2.44 21.58 0.77
N LEU B 52 -2.12 22.06 1.96
CA LEU B 52 -2.80 23.22 2.56
C LEU B 52 -1.79 24.32 2.76
N SER B 53 -2.00 25.46 2.09
CA SER B 53 -1.06 26.56 2.12
C SER B 53 -1.35 27.42 3.37
N GLN B 54 -1.05 26.85 4.55
CA GLN B 54 -1.40 27.43 5.83
C GLN B 54 -0.20 27.33 6.75
N ARG B 55 0.00 28.34 7.60
CA ARG B 55 1.20 28.45 8.44
C ARG B 55 1.02 27.60 9.69
N LEU B 56 1.21 26.30 9.45
CA LEU B 56 0.96 25.27 10.45
C LEU B 56 1.90 24.09 10.23
N PHE B 57 2.52 23.64 11.31
CA PHE B 57 3.22 22.35 11.30
C PHE B 57 3.07 21.60 12.63
N VAL B 58 3.35 20.34 12.55
CA VAL B 58 3.46 19.48 13.73
C VAL B 58 4.84 18.86 13.79
N ALA B 59 5.26 18.50 15.00
CA ALA B 59 6.57 17.95 15.23
C ALA B 59 6.56 17.12 16.53
N VAL B 60 7.53 16.23 16.63
CA VAL B 60 7.66 15.45 17.85
C VAL B 60 9.12 15.32 18.25
N GLU B 61 9.31 15.35 19.56
CA GLU B 61 10.58 15.02 20.17
C GLU B 61 10.51 13.60 20.74
N TYR B 62 11.29 12.69 20.21
CA TYR B 62 11.35 11.34 20.78
C TYR B 62 12.38 11.36 21.90
N VAL B 78 7.55 8.94 22.50
CA VAL B 78 7.37 10.38 22.33
C VAL B 78 7.48 11.14 23.67
N ARG B 79 8.32 12.16 23.68
CA ARG B 79 8.51 13.00 24.86
C ARG B 79 7.64 14.23 24.82
N ARG B 80 7.64 14.93 23.69
CA ARG B 80 6.82 16.14 23.56
C ARG B 80 6.24 16.12 22.14
N VAL B 81 4.99 16.57 22.01
CA VAL B 81 4.35 16.78 20.68
C VAL B 81 4.09 18.26 20.53
N TYR B 82 4.29 18.81 19.32
CA TYR B 82 4.14 20.25 19.10
C TYR B 82 3.18 20.45 17.96
N VAL B 83 2.22 21.34 18.17
CA VAL B 83 1.34 21.82 17.09
C VAL B 83 1.58 23.34 17.01
N VAL B 84 2.11 23.82 15.88
CA VAL B 84 2.73 25.11 15.78
C VAL B 84 2.09 25.89 14.63
N ALA B 85 1.32 26.91 14.98
CA ALA B 85 0.71 27.80 14.03
C ALA B 85 1.36 29.20 14.06
N ASN B 86 1.43 29.84 12.90
CA ASN B 86 2.00 31.15 12.74
C ASN B 86 3.32 31.37 13.46
N PRO B 87 4.29 30.50 13.25
CA PRO B 87 5.55 30.63 13.99
C PRO B 87 6.39 31.76 13.42
N VAL B 88 7.14 32.42 14.29
CA VAL B 88 8.15 33.40 13.95
C VAL B 88 9.37 33.17 14.79
N ILE B 89 10.54 33.02 14.15
CA ILE B 89 11.79 32.92 14.92
C ILE B 89 12.16 34.33 15.35
N THR B 90 12.26 34.56 16.65
CA THR B 90 12.63 35.89 17.15
C THR B 90 14.08 36.06 17.55
N TYR B 91 14.80 34.96 17.62
CA TYR B 91 16.20 34.93 18.03
C TYR B 91 16.83 33.63 17.54
N ARG B 92 18.07 33.72 17.05
CA ARG B 92 18.85 32.54 16.74
C ARG B 92 20.31 32.79 17.01
N GLU B 93 21.02 31.71 17.27
CA GLU B 93 22.44 31.80 17.51
C GLU B 93 23.15 30.54 17.07
N GLY B 94 24.39 30.68 16.62
CA GLY B 94 25.21 29.51 16.36
C GLY B 94 25.01 28.91 14.98
N LEU B 95 25.83 27.94 14.63
CA LEU B 95 25.72 27.34 13.31
C LEU B 95 26.30 25.94 13.35
N VAL B 96 25.47 24.96 12.97
CA VAL B 96 25.83 23.55 13.07
C VAL B 96 25.33 22.88 11.79
N GLU B 97 26.17 22.04 11.22
CA GLU B 97 25.82 21.25 10.06
C GLU B 97 25.30 19.91 10.47
N GLY B 98 24.27 19.42 9.78
CA GLY B 98 23.68 18.19 10.17
C GLY B 98 22.89 17.50 9.08
N THR B 99 22.40 16.32 9.41
CA THR B 99 21.67 15.49 8.44
C THR B 99 20.18 15.84 8.41
N GLU B 100 19.68 16.04 7.19
CA GLU B 100 18.24 16.19 6.98
C GLU B 100 17.77 15.46 5.75
N GLY B 101 16.56 14.94 5.86
CA GLY B 101 15.80 14.50 4.70
C GLY B 101 14.46 15.21 4.69
N OCS B 102 13.53 14.69 3.90
CA OCS B 102 12.20 15.34 3.70
CB OCS B 102 12.37 16.51 2.78
SG OCS B 102 10.99 17.63 2.94
C OCS B 102 11.24 14.36 3.08
O OCS B 102 11.59 13.73 2.08
OD1 OCS B 102 10.68 18.10 4.43
OD2 OCS B 102 11.38 18.74 2.15
OD3 OCS B 102 9.88 17.07 2.36
N LEU B 103 10.07 14.21 3.69
CA LEU B 103 9.06 13.26 3.23
C LEU B 103 8.53 13.56 1.83
N SER B 104 8.66 14.82 1.39
CA SER B 104 8.35 15.22 0.00
C SER B 104 9.46 14.94 -1.00
N LEU B 105 10.63 14.58 -0.49
CA LEU B 105 11.78 14.13 -1.31
C LEU B 105 12.27 12.78 -0.77
N PRO B 106 11.38 11.77 -0.79
CA PRO B 106 11.62 10.52 -0.11
C PRO B 106 12.91 9.86 -0.61
N GLY B 107 13.76 9.52 0.35
CA GLY B 107 15.03 8.87 0.09
C GLY B 107 16.22 9.79 -0.11
N LEU B 108 16.00 11.10 -0.27
CA LEU B 108 17.10 12.03 -0.48
C LEU B 108 17.51 12.71 0.80
N TYR B 109 18.80 12.89 0.99
CA TYR B 109 19.36 13.44 2.22
C TYR B 109 20.55 14.29 1.91
N SER B 110 20.83 15.23 2.82
CA SER B 110 22.13 15.85 2.88
C SER B 110 22.66 15.71 4.30
N GLU B 111 23.97 15.54 4.46
CA GLU B 111 24.54 15.46 5.80
C GLU B 111 25.12 16.77 6.32
N GLU B 112 25.03 17.84 5.56
CA GLU B 112 25.72 19.08 5.89
C GLU B 112 24.85 20.33 5.81
N VAL B 113 23.57 20.22 6.17
CA VAL B 113 22.66 21.35 6.11
C VAL B 113 22.95 22.21 7.34
N PRO B 114 23.26 23.47 7.13
CA PRO B 114 23.58 24.37 8.24
C PRO B 114 22.30 24.91 8.89
N ARG B 115 22.29 24.86 10.22
CA ARG B 115 21.19 25.42 10.98
C ARG B 115 21.69 26.18 12.18
N ALA B 116 20.85 27.09 12.69
CA ALA B 116 21.14 27.69 14.00
C ALA B 116 21.19 26.60 15.05
N GLU B 117 22.06 26.77 16.06
CA GLU B 117 22.14 25.83 17.17
C GLU B 117 21.04 26.04 18.19
N ARG B 118 20.65 27.28 18.40
CA ARG B 118 19.59 27.64 19.33
C ARG B 118 18.65 28.66 18.71
N ILE B 119 17.33 28.53 18.97
CA ILE B 119 16.34 29.48 18.50
C ILE B 119 15.32 29.81 19.59
N ARG B 120 14.65 30.94 19.42
CA ARG B 120 13.48 31.26 20.18
C ARG B 120 12.38 31.48 19.14
N VAL B 121 11.22 30.91 19.41
CA VAL B 121 10.10 30.92 18.51
C VAL B 121 8.84 31.41 19.23
N GLU B 122 8.13 32.34 18.62
CA GLU B 122 6.81 32.72 19.03
C GLU B 122 5.81 32.07 18.06
N TYR B 123 4.74 31.52 18.60
CA TYR B 123 3.74 30.81 17.81
C TYR B 123 2.42 30.74 18.55
N GLN B 124 1.43 30.17 17.88
CA GLN B 124 0.15 29.86 18.48
C GLN B 124 -0.07 28.36 18.47
N ASP B 125 -0.66 27.83 19.54
CA ASP B 125 -1.01 26.44 19.62
C ASP B 125 -2.30 26.08 18.87
N GLU B 126 -2.78 24.86 19.03
CA GLU B 126 -3.91 24.36 18.26
C GLU B 126 -5.21 25.07 18.59
N GLU B 127 -5.23 25.75 19.72
CA GLU B 127 -6.35 26.64 20.06
C GLU B 127 -6.18 28.12 19.75
N GLY B 128 -5.06 28.50 19.10
CA GLY B 128 -4.78 29.89 18.83
C GLY B 128 -4.11 30.71 19.95
N ARG B 129 -3.65 30.04 21.01
CA ARG B 129 -3.08 30.70 22.17
C ARG B 129 -1.60 30.96 21.91
N GLY B 130 -1.14 32.18 22.17
CA GLY B 130 0.25 32.58 22.00
C GLY B 130 1.18 31.85 22.92
N ARG B 131 2.30 31.40 22.38
CA ARG B 131 3.32 30.67 23.14
C ARG B 131 4.69 31.15 22.72
N VAL B 132 5.66 30.95 23.62
CA VAL B 132 7.05 31.26 23.33
C VAL B 132 7.85 30.01 23.74
N LEU B 133 8.81 29.61 22.90
CA LEU B 133 9.58 28.43 23.14
C LEU B 133 11.04 28.66 22.76
N GLU B 134 11.94 28.10 23.52
CA GLU B 134 13.35 28.07 23.13
C GLU B 134 13.74 26.64 22.91
N LEU B 135 14.50 26.39 21.84
CA LEU B 135 15.00 25.08 21.44
C LEU B 135 16.47 25.15 21.11
N GLU B 136 17.13 24.01 21.24
CA GLU B 136 18.53 23.85 20.85
C GLU B 136 18.75 22.49 20.23
N GLY B 137 19.85 22.38 19.53
CA GLY B 137 20.18 21.15 18.86
C GLY B 137 19.14 20.60 17.95
N TYR B 138 18.91 19.29 18.08
CA TYR B 138 18.08 18.60 17.10
C TYR B 138 16.68 19.19 16.96
N MET B 139 15.99 19.46 18.07
CA MET B 139 14.64 20.04 17.90
C MET B 139 14.66 21.46 17.28
N ALA B 140 15.70 22.25 17.52
CA ALA B 140 15.88 23.53 16.83
C ALA B 140 15.96 23.32 15.35
N ARG B 141 16.68 22.27 14.95
CA ARG B 141 16.85 21.93 13.52
C ARG B 141 15.48 21.52 12.90
N VAL B 142 14.70 20.71 13.62
CA VAL B 142 13.38 20.23 13.15
C VAL B 142 12.47 21.46 12.96
N PHE B 143 12.46 22.36 13.96
CA PHE B 143 11.61 23.56 13.83
C PHE B 143 12.02 24.45 12.66
N GLN B 144 13.33 24.66 12.46
CA GLN B 144 13.80 25.47 11.31
C GLN B 144 13.38 24.86 9.96
N HIS B 145 13.49 23.54 9.85
CA HIS B 145 13.13 22.78 8.68
C HIS B 145 11.63 22.96 8.36
N GLU B 146 10.80 22.78 9.39
CA GLU B 146 9.34 22.99 9.23
C GLU B 146 8.95 24.45 8.93
N ILE B 147 9.53 25.43 9.61
CA ILE B 147 9.21 26.82 9.35
C ILE B 147 9.60 27.19 7.88
N ASP B 148 10.71 26.65 7.41
CA ASP B 148 11.13 26.83 6.03
C ASP B 148 10.06 26.36 5.05
N HIS B 149 9.36 25.27 5.35
CA HIS B 149 8.28 24.80 4.50
C HIS B 149 7.19 25.87 4.30
N LEU B 150 6.94 26.64 5.34
CA LEU B 150 5.90 27.65 5.35
C LEU B 150 6.29 28.82 4.47
N ASP B 151 7.58 28.92 4.14
CA ASP B 151 8.05 29.95 3.24
C ASP B 151 8.41 29.40 1.87
N GLY B 152 8.05 28.14 1.58
CA GLY B 152 8.40 27.51 0.32
C GLY B 152 9.83 27.04 0.13
N ILE B 153 10.58 26.89 1.24
CA ILE B 153 11.98 26.59 1.21
C ILE B 153 12.26 25.15 1.55
N LEU B 154 13.05 24.49 0.73
CA LEU B 154 13.41 23.10 1.00
C LEU B 154 14.87 23.00 1.46
N PHE B 155 15.23 21.89 2.13
CA PHE B 155 16.47 21.85 2.86
C PHE B 155 17.72 22.05 2.00
N PHE B 156 17.69 21.56 0.76
CA PHE B 156 18.86 21.70 -0.09
C PHE B 156 19.18 23.12 -0.46
N GLU B 157 18.19 24.00 -0.36
CA GLU B 157 18.35 25.44 -0.59
C GLU B 157 19.20 26.14 0.44
N ARG B 158 19.28 25.56 1.66
CA ARG B 158 20.12 26.05 2.74
C ARG B 158 21.59 25.61 2.59
N LEU B 159 21.88 24.71 1.65
CA LEU B 159 23.27 24.34 1.42
C LEU B 159 24.02 25.44 0.69
N PRO B 160 25.32 25.60 0.97
CA PRO B 160 26.12 26.54 0.21
C PRO B 160 26.20 26.09 -1.25
N LYS B 161 26.38 27.04 -2.16
CA LYS B 161 26.22 26.82 -3.60
C LYS B 161 26.93 25.57 -4.16
N PRO B 162 28.23 25.35 -3.86
CA PRO B 162 28.89 24.13 -4.34
C PRO B 162 28.18 22.82 -3.90
N LYS B 163 27.77 22.75 -2.65
CA LYS B 163 27.12 21.56 -2.10
C LYS B 163 25.68 21.44 -2.65
N ARG B 164 25.01 22.57 -2.83
CA ARG B 164 23.68 22.58 -3.44
C ARG B 164 23.76 22.08 -4.87
N GLU B 165 24.80 22.50 -5.57
CA GLU B 165 24.98 22.08 -6.95
C GLU B 165 25.26 20.61 -7.05
N ALA B 166 26.13 20.07 -6.20
CA ALA B 166 26.45 18.65 -6.18
C ALA B 166 25.19 17.86 -5.85
N PHE B 167 24.36 18.38 -4.94
CA PHE B 167 23.15 17.66 -4.53
C PHE B 167 22.19 17.57 -5.75
N LEU B 168 21.94 18.68 -6.40
CA LEU B 168 21.04 18.71 -7.52
C LEU B 168 21.58 17.91 -8.73
N GLU B 169 22.89 17.91 -8.95
CA GLU B 169 23.49 17.01 -9.98
C GLU B 169 23.22 15.53 -9.64
N ALA B 170 23.55 15.12 -8.42
CA ALA B 170 23.49 13.75 -8.08
C ALA B 170 22.06 13.25 -8.16
N ASN B 171 21.13 14.15 -7.86
CA ASN B 171 19.72 13.78 -7.70
C ASN B 171 18.87 14.26 -8.83
N ARG B 172 19.49 14.53 -9.97
CA ARG B 172 18.74 15.04 -11.09
C ARG B 172 17.55 14.19 -11.46
N ALA B 173 17.76 12.89 -11.63
CA ALA B 173 16.70 11.99 -12.11
C ALA B 173 15.62 11.83 -11.04
N GLU B 174 16.04 11.78 -9.79
CA GLU B 174 15.11 11.57 -8.65
C GLU B 174 14.10 12.72 -8.66
N LEU B 175 14.57 13.95 -8.83
CA LEU B 175 13.73 15.13 -8.83
C LEU B 175 12.78 15.14 -10.02
N VAL B 176 13.28 14.73 -11.20
CA VAL B 176 12.43 14.48 -12.35
C VAL B 176 11.29 13.51 -12.05
N ARG B 177 11.61 12.39 -11.39
CA ARG B 177 10.61 11.35 -11.10
C ARG B 177 9.57 11.92 -10.13
N PHE B 178 10.03 12.68 -9.11
CA PHE B 178 9.08 13.28 -8.16
C PHE B 178 8.10 14.20 -8.87
N GLN B 179 8.62 15.05 -9.76
CA GLN B 179 7.81 16.04 -10.42
C GLN B 179 6.79 15.33 -11.30
N LYS B 180 7.19 14.18 -11.87
CA LYS B 180 6.26 13.40 -12.67
C LYS B 180 5.16 12.80 -11.82
N GLU B 181 5.53 12.23 -10.67
CA GLU B 181 4.59 11.61 -9.72
C GLU B 181 3.65 12.66 -9.16
N ALA B 182 4.16 13.87 -8.94
CA ALA B 182 3.42 14.97 -8.29
C ALA B 182 2.42 15.59 -9.26
N ARG B 183 2.63 15.36 -10.56
CA ARG B 183 1.66 15.72 -11.62
C ARG B 183 0.65 14.58 -11.79
#